data_1TV3
#
_entry.id   1TV3
#
_cell.length_a   157.987
_cell.length_b   157.987
_cell.length_c   136.914
_cell.angle_alpha   90.00
_cell.angle_beta   90.00
_cell.angle_gamma   120.00
#
_symmetry.space_group_name_H-M   'P 63 2 2'
#
loop_
_entity.id
_entity.type
_entity.pdbx_description
1 polymer 'Monomethylamine methyltransferase mtmB1'
2 non-polymer '5-(HYDROXY-METHYL-AMINO)-3-METHYL-PYRROLIDINE-2-CARBOXYLIC ACID'
3 water water
#
_entity_poly.entity_id   1
_entity_poly.type   'polypeptide(L)'
_entity_poly.pdbx_seq_one_letter_code
;MTFRKSFDCYDFYDRAKVGEKCTQDDWDLMKIPMKAMELKQKYGLDFKGEFIPTDKDMMEKLFKAGFEMLLECGIYCTDT
HRIVKYTEDEIWDAINNVQKEFVLGTGRDAVNVRKRSVGDKAKPIVQGGPTGSPISEDVFMPVHMSYALEKEVDTIVNGV
MTSVRGKSPIPKSPYEVLAAKTETRLIKNACAMAGRPGMGVKGPETSLSAQGNISADCTGGMTCTDSHEVSQLNELKIDL
DAISVIAHYKGNSDIIMDEQMPIFGGYAGGIEETTIVDVATHINAVLMSSASWHLDGPVHIRWGSTNTRETLMIAGWACA
TISEFTDILSGNQYYPCAGPCTEMCLLEASAQSITDTASGREILSGVASAKGVVTDKTTGMEARMMGEVARATAGVEISE
VNVILDKLVSLYEKNYASAPAGKTFQECYDVKTVTPTEEYMQVYDGARKKLEDLGLVF
;
_entity_poly.pdbx_strand_id   A
#
# COMPACT_ATOMS: atom_id res chain seq x y z
N THR A 2 -30.45 -15.83 -0.87
CA THR A 2 -29.01 -16.11 -0.64
C THR A 2 -28.27 -16.04 -1.97
N PHE A 3 -26.94 -16.07 -1.91
CA PHE A 3 -26.12 -16.01 -3.11
C PHE A 3 -26.05 -17.36 -3.81
N ARG A 4 -25.82 -17.35 -5.12
CA ARG A 4 -25.73 -18.58 -5.88
C ARG A 4 -24.46 -19.33 -5.51
N LYS A 5 -23.34 -18.61 -5.54
CA LYS A 5 -22.04 -19.19 -5.19
C LYS A 5 -21.15 -18.06 -4.67
N SER A 6 -20.12 -18.40 -3.90
CA SER A 6 -19.22 -17.37 -3.39
C SER A 6 -18.61 -16.73 -4.63
N PHE A 7 -18.65 -15.40 -4.68
CA PHE A 7 -18.12 -14.65 -5.82
C PHE A 7 -16.62 -14.74 -6.01
N ASP A 8 -16.19 -14.93 -7.26
CA ASP A 8 -14.77 -15.00 -7.57
C ASP A 8 -14.46 -14.35 -8.92
N CYS A 9 -13.19 -14.32 -9.28
CA CYS A 9 -12.74 -13.72 -10.53
C CYS A 9 -13.46 -14.30 -11.76
N TYR A 10 -13.91 -15.55 -11.67
CA TYR A 10 -14.60 -16.17 -12.80
C TYR A 10 -15.99 -15.57 -12.98
N ASP A 11 -16.68 -15.33 -11.87
CA ASP A 11 -18.00 -14.72 -11.93
C ASP A 11 -17.85 -13.30 -12.47
N PHE A 12 -16.78 -12.62 -12.05
CA PHE A 12 -16.54 -11.26 -12.50
C PHE A 12 -16.43 -11.21 -14.02
N TYR A 13 -15.62 -12.10 -14.59
CA TYR A 13 -15.44 -12.17 -16.04
C TYR A 13 -16.79 -12.38 -16.71
N ASP A 14 -17.54 -13.36 -16.22
CA ASP A 14 -18.85 -13.66 -16.76
C ASP A 14 -19.71 -12.40 -16.81
N ARG A 15 -19.86 -11.74 -15.67
CA ARG A 15 -20.67 -10.54 -15.57
C ARG A 15 -20.14 -9.35 -16.37
N ALA A 16 -18.82 -9.25 -16.49
CA ALA A 16 -18.21 -8.13 -17.22
C ALA A 16 -18.54 -8.18 -18.71
N LYS A 17 -18.91 -9.35 -19.22
CA LYS A 17 -19.23 -9.48 -20.63
C LYS A 17 -20.68 -9.14 -20.97
N VAL A 18 -21.57 -9.24 -19.98
CA VAL A 18 -22.97 -8.97 -20.22
C VAL A 18 -23.59 -7.89 -19.33
N GLY A 19 -22.74 -7.18 -18.60
CA GLY A 19 -23.23 -6.14 -17.71
C GLY A 19 -23.71 -4.89 -18.44
N GLU A 20 -24.29 -3.96 -17.69
CA GLU A 20 -24.79 -2.72 -18.25
C GLU A 20 -23.70 -1.95 -19.00
N LYS A 21 -23.97 -1.61 -20.25
CA LYS A 21 -23.02 -0.86 -21.06
C LYS A 21 -22.92 0.54 -20.47
N CYS A 22 -21.71 1.11 -20.49
CA CYS A 22 -21.51 2.43 -19.91
C CYS A 22 -20.15 2.97 -20.36
N THR A 23 -20.09 4.25 -20.70
CA THR A 23 -18.83 4.87 -21.12
C THR A 23 -18.00 5.10 -19.86
N GLN A 24 -16.68 5.19 -20.02
CA GLN A 24 -15.84 5.41 -18.85
C GLN A 24 -16.05 6.80 -18.26
N ASP A 25 -16.47 7.76 -19.09
CA ASP A 25 -16.73 9.10 -18.60
C ASP A 25 -17.99 9.08 -17.74
N ASP A 26 -19.00 8.31 -18.17
CA ASP A 26 -20.23 8.21 -17.42
C ASP A 26 -19.93 7.67 -16.03
N TRP A 27 -18.93 6.80 -15.96
CA TRP A 27 -18.53 6.19 -14.70
C TRP A 27 -17.71 7.16 -13.85
N ASP A 28 -16.65 7.70 -14.44
CA ASP A 28 -15.75 8.62 -13.74
C ASP A 28 -16.32 10.00 -13.43
N LEU A 29 -17.07 10.56 -14.37
CA LEU A 29 -17.61 11.91 -14.20
C LEU A 29 -19.05 12.00 -13.70
N MET A 30 -19.71 10.87 -13.51
CA MET A 30 -21.09 10.90 -13.05
C MET A 30 -21.46 9.88 -11.98
N LYS A 31 -21.46 8.61 -12.35
CA LYS A 31 -21.83 7.55 -11.41
C LYS A 31 -21.07 7.54 -10.10
N ILE A 32 -19.74 7.53 -10.16
CA ILE A 32 -18.94 7.50 -8.95
C ILE A 32 -19.08 8.76 -8.10
N PRO A 33 -18.77 9.95 -8.66
CA PRO A 33 -18.89 11.17 -7.88
C PRO A 33 -20.31 11.44 -7.33
N MET A 34 -21.34 11.05 -8.07
CA MET A 34 -22.70 11.25 -7.59
C MET A 34 -22.99 10.40 -6.36
N LYS A 35 -22.62 9.13 -6.42
CA LYS A 35 -22.85 8.21 -5.30
C LYS A 35 -22.05 8.61 -4.07
N ALA A 36 -20.79 8.98 -4.26
CA ALA A 36 -19.94 9.38 -3.13
C ALA A 36 -20.55 10.60 -2.45
N MET A 37 -21.03 11.54 -3.27
CA MET A 37 -21.65 12.77 -2.78
C MET A 37 -22.94 12.44 -2.05
N GLU A 38 -23.76 11.60 -2.66
CA GLU A 38 -25.04 11.20 -2.09
C GLU A 38 -24.88 10.52 -0.73
N LEU A 39 -23.99 9.54 -0.65
CA LEU A 39 -23.78 8.81 0.59
C LEU A 39 -23.15 9.66 1.68
N LYS A 40 -22.28 10.59 1.31
CA LYS A 40 -21.65 11.44 2.31
C LYS A 40 -22.72 12.26 3.03
N GLN A 41 -23.63 12.84 2.26
CA GLN A 41 -24.68 13.66 2.84
C GLN A 41 -25.72 12.78 3.54
N LYS A 42 -26.12 11.70 2.89
CA LYS A 42 -27.12 10.80 3.47
C LYS A 42 -26.71 10.37 4.88
N TYR A 43 -25.44 9.99 5.05
CA TYR A 43 -24.94 9.54 6.34
C TYR A 43 -24.33 10.66 7.17
N GLY A 44 -24.36 11.88 6.66
CA GLY A 44 -23.81 13.01 7.38
C GLY A 44 -22.38 12.83 7.82
N LEU A 45 -21.54 12.25 6.97
CA LEU A 45 -20.14 12.02 7.31
C LEU A 45 -19.39 13.33 7.47
N ASP A 46 -18.66 13.44 8.57
CA ASP A 46 -17.87 14.62 8.89
C ASP A 46 -16.73 14.16 9.78
N PHE A 47 -15.52 14.16 9.25
CA PHE A 47 -14.35 13.70 10.00
C PHE A 47 -13.82 14.71 11.00
N LYS A 48 -14.34 15.94 10.91
CA LYS A 48 -13.97 17.02 11.82
C LYS A 48 -12.47 17.18 12.11
N GLY A 49 -11.66 17.15 11.06
CA GLY A 49 -10.23 17.32 11.22
C GLY A 49 -9.42 16.23 11.89
N GLU A 50 -10.05 15.13 12.26
CA GLU A 50 -9.32 14.04 12.91
C GLU A 50 -8.65 13.11 11.92
N PHE A 51 -7.43 12.67 12.25
CA PHE A 51 -6.70 11.73 11.40
C PHE A 51 -7.21 10.33 11.69
N ILE A 52 -7.39 10.04 12.97
CA ILE A 52 -7.88 8.74 13.41
C ILE A 52 -9.16 8.97 14.22
N PRO A 53 -10.26 8.35 13.78
CA PRO A 53 -11.56 8.47 14.44
C PRO A 53 -11.71 7.83 15.81
N THR A 54 -12.53 8.46 16.66
CA THR A 54 -12.82 7.95 17.99
C THR A 54 -14.35 7.82 18.10
N ASP A 55 -15.06 8.49 17.20
CA ASP A 55 -16.52 8.46 17.17
C ASP A 55 -16.97 7.20 16.42
N LYS A 56 -17.32 6.16 17.16
CA LYS A 56 -17.73 4.90 16.55
C LYS A 56 -19.02 4.99 15.73
N ASP A 57 -19.93 5.89 16.13
N ASP A 57 -19.93 5.88 16.12
CA ASP A 57 -21.16 6.05 15.38
CA ASP A 57 -21.18 6.02 15.38
C ASP A 57 -20.83 6.54 13.98
C ASP A 57 -20.88 6.56 13.98
N MET A 58 -19.95 7.50 13.90
CA MET A 58 -19.55 8.10 12.62
C MET A 58 -18.83 7.02 11.80
N MET A 59 -18.01 6.22 12.48
CA MET A 59 -17.27 5.15 11.82
C MET A 59 -18.23 4.13 11.22
N GLU A 60 -19.26 3.76 11.97
CA GLU A 60 -20.23 2.80 11.48
C GLU A 60 -20.96 3.34 10.25
N LYS A 61 -21.25 4.64 10.26
CA LYS A 61 -21.93 5.25 9.12
C LYS A 61 -21.00 5.20 7.91
N LEU A 62 -19.71 5.41 8.13
CA LEU A 62 -18.74 5.35 7.04
C LEU A 62 -18.69 3.94 6.45
N PHE A 63 -18.73 2.94 7.33
CA PHE A 63 -18.70 1.55 6.87
C PHE A 63 -19.91 1.26 6.00
N LYS A 64 -21.08 1.66 6.48
CA LYS A 64 -22.32 1.44 5.74
C LYS A 64 -22.28 2.17 4.42
N ALA A 65 -21.69 3.35 4.41
CA ALA A 65 -21.58 4.16 3.19
C ALA A 65 -20.70 3.44 2.17
N GLY A 66 -19.55 2.96 2.62
CA GLY A 66 -18.64 2.25 1.73
C GLY A 66 -19.28 0.98 1.18
N PHE A 67 -19.97 0.25 2.04
CA PHE A 67 -20.64 -0.98 1.64
C PHE A 67 -21.70 -0.65 0.58
N GLU A 68 -22.50 0.36 0.86
CA GLU A 68 -23.58 0.77 -0.04
C GLU A 68 -23.04 1.26 -1.38
N MET A 69 -21.89 1.94 -1.34
CA MET A 69 -21.27 2.44 -2.56
C MET A 69 -20.93 1.28 -3.49
N LEU A 70 -20.30 0.26 -2.93
CA LEU A 70 -19.92 -0.92 -3.71
C LEU A 70 -21.16 -1.64 -4.24
N LEU A 71 -22.15 -1.79 -3.36
CA LEU A 71 -23.39 -2.47 -3.72
C LEU A 71 -24.21 -1.79 -4.81
N GLU A 72 -24.35 -0.47 -4.70
CA GLU A 72 -25.15 0.28 -5.67
C GLU A 72 -24.45 0.64 -6.97
N CYS A 73 -23.13 0.87 -6.91
CA CYS A 73 -22.38 1.21 -8.13
C CYS A 73 -21.87 -0.02 -8.87
N GLY A 74 -21.22 -0.92 -8.15
CA GLY A 74 -20.66 -2.10 -8.79
C GLY A 74 -19.25 -1.75 -9.23
N ILE A 75 -18.69 -2.55 -10.13
CA ILE A 75 -17.33 -2.30 -10.62
C ILE A 75 -17.31 -2.16 -12.13
N TYR A 76 -16.59 -1.16 -12.61
CA TYR A 76 -16.48 -0.90 -14.04
C TYR A 76 -15.33 -1.69 -14.64
N CYS A 77 -15.62 -2.43 -15.71
CA CYS A 77 -14.60 -3.21 -16.40
C CYS A 77 -14.17 -2.44 -17.64
N THR A 78 -12.94 -1.92 -17.62
CA THR A 78 -12.41 -1.12 -18.72
C THR A 78 -12.38 -1.81 -20.09
N ASP A 79 -12.09 -3.11 -20.11
CA ASP A 79 -12.00 -3.85 -21.36
C ASP A 79 -13.34 -4.02 -22.08
N THR A 80 -14.38 -4.35 -21.33
CA THR A 80 -15.71 -4.57 -21.90
C THR A 80 -16.61 -3.33 -21.84
N HIS A 81 -16.18 -2.33 -21.09
CA HIS A 81 -16.95 -1.10 -20.94
C HIS A 81 -18.33 -1.40 -20.37
N ARG A 82 -18.39 -2.35 -19.45
CA ARG A 82 -19.64 -2.74 -18.81
C ARG A 82 -19.46 -2.75 -17.29
N ILE A 83 -20.58 -2.72 -16.57
CA ILE A 83 -20.58 -2.69 -15.11
C ILE A 83 -20.93 -4.04 -14.50
N VAL A 84 -20.15 -4.46 -13.51
CA VAL A 84 -20.40 -5.72 -12.81
C VAL A 84 -21.06 -5.36 -11.49
N LYS A 85 -22.20 -5.97 -11.22
CA LYS A 85 -22.94 -5.72 -9.99
C LYS A 85 -22.93 -6.92 -9.05
N TYR A 86 -22.87 -6.64 -7.75
CA TYR A 86 -22.88 -7.68 -6.73
C TYR A 86 -24.22 -7.59 -6.02
N THR A 87 -24.59 -8.65 -5.29
CA THR A 87 -25.81 -8.64 -4.50
C THR A 87 -25.32 -8.43 -3.08
N GLU A 88 -26.23 -8.03 -2.19
CA GLU A 88 -25.86 -7.80 -0.80
C GLU A 88 -25.34 -9.07 -0.13
N ASP A 89 -25.95 -10.21 -0.46
CA ASP A 89 -25.54 -11.48 0.11
C ASP A 89 -24.15 -11.91 -0.33
N GLU A 90 -23.79 -11.61 -1.57
CA GLU A 90 -22.48 -11.97 -2.09
C GLU A 90 -21.40 -11.17 -1.37
N ILE A 91 -21.68 -9.90 -1.11
CA ILE A 91 -20.72 -9.05 -0.44
C ILE A 91 -20.50 -9.50 1.00
N TRP A 92 -21.58 -9.84 1.70
CA TRP A 92 -21.46 -10.30 3.08
C TRP A 92 -20.72 -11.64 3.17
N ASP A 93 -21.00 -12.53 2.23
CA ASP A 93 -20.33 -13.83 2.21
C ASP A 93 -18.82 -13.62 2.12
N ALA A 94 -18.41 -12.60 1.37
CA ALA A 94 -16.99 -12.29 1.21
C ALA A 94 -16.43 -11.68 2.49
N ILE A 95 -17.14 -10.70 3.05
CA ILE A 95 -16.70 -10.04 4.26
C ILE A 95 -16.68 -11.00 5.46
N ASN A 96 -17.68 -11.88 5.52
CA ASN A 96 -17.78 -12.83 6.62
C ASN A 96 -16.76 -13.96 6.58
N ASN A 97 -16.08 -14.12 5.44
CA ASN A 97 -15.09 -15.19 5.32
C ASN A 97 -13.76 -14.70 4.75
N VAL A 98 -13.10 -13.79 5.46
CA VAL A 98 -11.83 -13.28 5.01
C VAL A 98 -10.71 -14.05 5.69
N GLN A 99 -9.51 -13.98 5.13
CA GLN A 99 -8.38 -14.68 5.71
C GLN A 99 -8.04 -14.05 7.06
N LYS A 100 -8.03 -14.87 8.10
CA LYS A 100 -7.77 -14.40 9.45
C LYS A 100 -6.32 -14.00 9.72
N GLU A 101 -5.38 -14.78 9.20
CA GLU A 101 -3.97 -14.52 9.39
C GLU A 101 -3.17 -15.36 8.41
N PHE A 102 -1.88 -15.09 8.32
CA PHE A 102 -1.00 -15.85 7.43
C PHE A 102 0.46 -15.60 7.75
N VAL A 103 1.32 -16.44 7.19
CA VAL A 103 2.76 -16.34 7.41
C VAL A 103 3.45 -15.88 6.12
N LEU A 104 4.42 -14.98 6.27
CA LEU A 104 5.19 -14.49 5.14
C LEU A 104 6.62 -14.93 5.36
N GLY A 105 7.30 -15.35 4.29
CA GLY A 105 8.67 -15.80 4.42
C GLY A 105 8.76 -17.24 4.90
N THR A 106 9.97 -17.73 5.10
CA THR A 106 10.19 -19.10 5.53
C THR A 106 11.35 -19.21 6.54
N GLY A 107 11.49 -20.39 7.13
CA GLY A 107 12.56 -20.65 8.08
C GLY A 107 12.56 -19.70 9.26
N ARG A 108 13.75 -19.40 9.77
CA ARG A 108 13.90 -18.51 10.91
C ARG A 108 13.36 -17.12 10.62
N ASP A 109 13.40 -16.74 9.34
CA ASP A 109 13.00 -15.42 8.89
C ASP A 109 11.52 -15.16 8.65
N ALA A 110 10.69 -16.18 8.81
CA ALA A 110 9.25 -16.03 8.60
C ALA A 110 8.62 -15.15 9.67
N VAL A 111 7.53 -14.48 9.33
CA VAL A 111 6.81 -13.64 10.28
C VAL A 111 5.32 -13.90 10.19
N ASN A 112 4.63 -13.76 11.32
CA ASN A 112 3.20 -13.97 11.35
C ASN A 112 2.48 -12.64 11.18
N VAL A 113 1.46 -12.64 10.33
CA VAL A 113 0.68 -11.43 10.12
C VAL A 113 -0.68 -11.69 10.75
N ARG A 114 -0.98 -10.95 11.82
CA ARG A 114 -2.24 -11.09 12.52
C ARG A 114 -2.92 -9.73 12.64
N LYS A 115 -4.24 -9.75 12.80
CA LYS A 115 -5.01 -8.51 12.89
C LYS A 115 -4.59 -7.55 13.99
N ARG A 116 -4.66 -6.25 13.69
CA ARG A 116 -4.35 -5.21 14.65
C ARG A 116 -5.59 -4.33 14.75
N SER A 117 -5.87 -3.85 15.96
CA SER A 117 -7.01 -2.98 16.16
C SER A 117 -6.51 -1.56 16.32
N VAL A 118 -7.42 -0.59 16.29
CA VAL A 118 -7.04 0.80 16.47
C VAL A 118 -6.28 0.97 17.79
N GLY A 119 -5.15 1.67 17.74
CA GLY A 119 -4.35 1.90 18.93
C GLY A 119 -3.71 0.66 19.53
N ASP A 120 -3.66 -0.42 18.76
CA ASP A 120 -3.10 -1.68 19.20
C ASP A 120 -1.69 -1.55 19.78
N LYS A 121 -1.40 -2.30 20.83
CA LYS A 121 -0.08 -2.28 21.46
C LYS A 121 0.92 -3.03 20.61
N ALA A 122 0.44 -3.96 19.80
CA ALA A 122 1.32 -4.73 18.93
C ALA A 122 1.81 -3.89 17.75
N LYS A 123 3.06 -4.09 17.36
CA LYS A 123 3.66 -3.36 16.26
C LYS A 123 3.26 -3.97 14.91
N PRO A 124 3.01 -3.13 13.90
CA PRO A 124 2.63 -3.70 12.61
C PRO A 124 3.86 -4.33 11.94
N ILE A 125 3.61 -5.10 10.88
CA ILE A 125 4.70 -5.73 10.15
C ILE A 125 5.36 -4.62 9.33
N VAL A 126 6.68 -4.63 9.30
CA VAL A 126 7.42 -3.61 8.54
C VAL A 126 7.92 -4.21 7.23
N GLN A 127 7.30 -3.81 6.13
CA GLN A 127 7.68 -4.28 4.81
C GLN A 127 8.50 -3.18 4.15
N GLY A 128 9.82 -3.37 4.11
CA GLY A 128 10.70 -2.37 3.55
C GLY A 128 11.32 -2.72 2.21
N GLY A 129 11.48 -1.71 1.36
CA GLY A 129 12.07 -1.91 0.05
C GLY A 129 11.91 -0.68 -0.81
N PRO A 130 12.40 -0.72 -2.07
CA PRO A 130 12.28 0.42 -2.98
C PRO A 130 10.83 0.76 -3.26
N THR A 131 9.93 -0.13 -2.84
CA THR A 131 8.50 0.08 -3.01
C THR A 131 8.13 0.41 -4.46
N GLY A 132 8.53 -0.48 -5.38
CA GLY A 132 8.21 -0.30 -6.78
C GLY A 132 8.97 0.76 -7.55
N SER A 133 9.93 1.42 -6.90
CA SER A 133 10.70 2.46 -7.57
C SER A 133 11.77 1.87 -8.48
N PRO A 134 12.14 2.61 -9.55
CA PRO A 134 13.16 2.16 -10.50
C PRO A 134 14.56 2.09 -9.87
N ILE A 135 15.21 0.95 -10.03
CA ILE A 135 16.55 0.74 -9.48
C ILE A 135 17.47 0.26 -10.59
N SER A 136 18.67 0.84 -10.66
CA SER A 136 19.64 0.44 -11.68
C SER A 136 20.01 -1.02 -11.50
N GLU A 137 20.15 -1.73 -12.62
CA GLU A 137 20.49 -3.14 -12.57
C GLU A 137 21.78 -3.45 -11.81
N ASP A 138 22.80 -2.61 -11.96
CA ASP A 138 24.08 -2.88 -11.30
C ASP A 138 24.08 -2.75 -9.78
N VAL A 139 23.02 -2.21 -9.19
CA VAL A 139 22.95 -2.09 -7.74
C VAL A 139 21.64 -2.67 -7.20
N PHE A 140 20.97 -3.49 -8.02
CA PHE A 140 19.70 -4.07 -7.61
C PHE A 140 19.80 -4.85 -6.30
N MET A 141 20.80 -5.72 -6.16
CA MET A 141 20.94 -6.49 -4.93
C MET A 141 21.38 -5.61 -3.75
N PRO A 142 22.41 -4.77 -3.94
CA PRO A 142 22.87 -3.90 -2.86
C PRO A 142 21.74 -3.05 -2.28
N VAL A 143 20.97 -2.41 -3.16
CA VAL A 143 19.87 -1.58 -2.71
C VAL A 143 18.90 -2.36 -1.83
N HIS A 144 18.47 -3.52 -2.30
CA HIS A 144 17.54 -4.31 -1.49
C HIS A 144 18.20 -4.80 -0.22
N MET A 145 19.50 -5.06 -0.28
CA MET A 145 20.23 -5.53 0.89
C MET A 145 20.18 -4.47 2.01
N SER A 146 20.14 -3.19 1.63
CA SER A 146 20.10 -2.12 2.62
C SER A 146 18.84 -2.20 3.48
N TYR A 147 17.82 -2.93 3.02
CA TYR A 147 16.59 -3.10 3.78
C TYR A 147 16.69 -4.38 4.60
N ALA A 148 17.19 -5.44 3.98
CA ALA A 148 17.33 -6.72 4.66
C ALA A 148 18.26 -6.64 5.86
N LEU A 149 19.26 -5.75 5.78
CA LEU A 149 20.22 -5.58 6.87
C LEU A 149 19.62 -4.86 8.08
N GLU A 150 18.50 -4.18 7.87
CA GLU A 150 17.84 -3.45 8.95
C GLU A 150 16.95 -4.40 9.75
N LYS A 151 17.23 -4.56 11.04
CA LYS A 151 16.42 -5.45 11.87
C LYS A 151 14.97 -4.96 11.95
N GLU A 152 14.76 -3.67 11.68
CA GLU A 152 13.42 -3.09 11.70
C GLU A 152 12.53 -3.71 10.63
N VAL A 153 13.13 -4.12 9.53
CA VAL A 153 12.42 -4.70 8.40
C VAL A 153 12.09 -6.19 8.56
N ASP A 154 10.83 -6.53 8.32
CA ASP A 154 10.35 -7.91 8.43
C ASP A 154 10.29 -8.61 7.07
N THR A 155 9.76 -7.90 6.08
CA THR A 155 9.65 -8.42 4.73
C THR A 155 10.10 -7.35 3.74
N ILE A 156 10.27 -7.74 2.48
CA ILE A 156 10.73 -6.82 1.45
C ILE A 156 9.65 -6.49 0.42
N VAL A 157 9.58 -5.22 0.01
CA VAL A 157 8.67 -4.84 -1.06
C VAL A 157 9.62 -4.52 -2.22
N ASN A 158 9.53 -5.33 -3.28
CA ASN A 158 10.40 -5.21 -4.45
C ASN A 158 10.46 -3.88 -5.19
N GLY A 159 11.64 -3.61 -5.74
CA GLY A 159 11.84 -2.42 -6.52
C GLY A 159 11.70 -2.86 -7.97
N VAL A 160 11.85 -1.94 -8.91
CA VAL A 160 11.74 -2.25 -10.33
C VAL A 160 13.10 -2.22 -11.02
N MET A 161 13.42 -3.27 -11.76
CA MET A 161 14.68 -3.34 -12.50
C MET A 161 14.59 -2.43 -13.71
N THR A 162 15.44 -1.39 -13.78
CA THR A 162 15.38 -0.50 -14.93
C THR A 162 15.85 -1.23 -16.18
N SER A 163 16.55 -2.35 -15.98
CA SER A 163 17.01 -3.16 -17.09
C SER A 163 17.46 -4.53 -16.59
N VAL A 164 17.43 -5.51 -17.47
CA VAL A 164 17.85 -6.86 -17.13
C VAL A 164 18.71 -7.30 -18.31
N ARG A 165 19.95 -7.68 -18.02
CA ARG A 165 20.90 -8.05 -19.05
C ARG A 165 21.06 -6.86 -19.99
N GLY A 166 20.99 -5.66 -19.41
CA GLY A 166 21.16 -4.42 -20.16
C GLY A 166 20.04 -4.01 -21.09
N LYS A 167 18.87 -4.62 -20.95
CA LYS A 167 17.73 -4.31 -21.80
C LYS A 167 16.51 -3.92 -20.98
N SER A 168 15.66 -3.05 -21.53
CA SER A 168 14.45 -2.62 -20.84
C SER A 168 13.45 -3.76 -20.83
N PRO A 169 12.84 -4.06 -19.67
CA PRO A 169 11.85 -5.13 -19.57
C PRO A 169 10.51 -4.72 -20.19
N ILE A 170 10.55 -4.37 -21.47
CA ILE A 170 9.36 -3.93 -22.19
C ILE A 170 8.18 -4.90 -22.03
N PRO A 171 7.01 -4.38 -21.67
CA PRO A 171 5.83 -5.23 -21.49
C PRO A 171 5.58 -6.12 -22.70
N LYS A 172 5.30 -7.39 -22.43
CA LYS A 172 5.02 -8.39 -23.46
C LYS A 172 6.21 -8.78 -24.33
N SER A 173 7.41 -8.47 -23.85
CA SER A 173 8.64 -8.85 -24.55
C SER A 173 9.23 -9.95 -23.68
N PRO A 174 10.16 -10.75 -24.23
CA PRO A 174 10.74 -11.81 -23.40
C PRO A 174 11.50 -11.24 -22.19
N TYR A 175 11.98 -10.01 -22.31
CA TYR A 175 12.70 -9.38 -21.21
C TYR A 175 11.81 -9.13 -20.00
N GLU A 176 10.52 -8.93 -20.24
CA GLU A 176 9.60 -8.71 -19.13
C GLU A 176 9.50 -9.99 -18.30
N VAL A 177 9.44 -11.13 -18.99
CA VAL A 177 9.36 -12.43 -18.31
C VAL A 177 10.67 -12.67 -17.54
N LEU A 178 11.80 -12.40 -18.19
CA LEU A 178 13.10 -12.58 -17.55
C LEU A 178 13.19 -11.74 -16.27
N ALA A 179 12.73 -10.50 -16.34
CA ALA A 179 12.77 -9.60 -15.19
C ALA A 179 11.84 -10.04 -14.08
N ALA A 180 10.67 -10.56 -14.45
CA ALA A 180 9.69 -11.01 -13.46
C ALA A 180 10.26 -12.12 -12.58
N LYS A 181 10.97 -13.06 -13.19
CA LYS A 181 11.56 -14.17 -12.44
C LYS A 181 12.82 -13.71 -11.71
N THR A 182 13.69 -13.01 -12.45
CA THR A 182 14.97 -12.51 -11.93
C THR A 182 14.81 -11.58 -10.73
N GLU A 183 13.87 -10.66 -10.83
CA GLU A 183 13.62 -9.70 -9.76
C GLU A 183 13.71 -10.31 -8.36
N THR A 184 12.77 -11.21 -8.05
CA THR A 184 12.74 -11.82 -6.73
C THR A 184 13.93 -12.77 -6.48
N ARG A 185 14.44 -13.39 -7.54
CA ARG A 185 15.59 -14.27 -7.37
C ARG A 185 16.76 -13.47 -6.83
N LEU A 186 16.99 -12.28 -7.39
CA LEU A 186 18.10 -11.43 -6.95
C LEU A 186 17.84 -10.87 -5.55
N ILE A 187 16.61 -10.44 -5.31
CA ILE A 187 16.24 -9.88 -4.01
C ILE A 187 16.39 -10.89 -2.88
N LYS A 188 15.93 -12.12 -3.11
CA LYS A 188 16.06 -13.13 -2.08
C LYS A 188 17.53 -13.46 -1.86
N ASN A 189 18.33 -13.30 -2.91
CA ASN A 189 19.76 -13.55 -2.80
C ASN A 189 20.37 -12.43 -1.96
N ALA A 190 19.85 -11.22 -2.10
CA ALA A 190 20.34 -10.10 -1.32
C ALA A 190 19.98 -10.35 0.14
N CYS A 191 18.79 -10.89 0.37
CA CYS A 191 18.36 -11.19 1.74
C CYS A 191 19.26 -12.24 2.37
N ALA A 192 19.63 -13.24 1.57
CA ALA A 192 20.50 -14.31 2.05
C ALA A 192 21.85 -13.72 2.44
N MET A 193 22.36 -12.80 1.63
CA MET A 193 23.65 -12.17 1.93
C MET A 193 23.58 -11.38 3.23
N ALA A 194 22.37 -10.96 3.61
CA ALA A 194 22.17 -10.21 4.84
C ALA A 194 21.89 -11.16 6.01
N GLY A 195 22.02 -12.46 5.75
CA GLY A 195 21.79 -13.45 6.79
C GLY A 195 20.33 -13.75 7.07
N ARG A 196 19.46 -13.47 6.10
CA ARG A 196 18.02 -13.71 6.28
C ARG A 196 17.46 -14.25 4.96
N PRO A 197 17.90 -15.44 4.55
CA PRO A 197 17.50 -16.11 3.31
C PRO A 197 15.99 -16.31 3.13
N GLY A 198 15.27 -16.44 4.24
CA GLY A 198 13.84 -16.69 4.16
C GLY A 198 12.88 -15.52 4.22
N MET A 199 13.38 -14.28 4.11
CA MET A 199 12.50 -13.12 4.16
C MET A 199 11.47 -13.19 3.04
N GLY A 200 10.22 -12.85 3.37
CA GLY A 200 9.19 -12.84 2.36
C GLY A 200 9.27 -11.55 1.57
N VAL A 201 8.76 -11.57 0.34
CA VAL A 201 8.78 -10.36 -0.50
C VAL A 201 7.37 -10.04 -0.98
N LYS A 202 7.27 -8.95 -1.73
CA LYS A 202 5.99 -8.52 -2.29
C LYS A 202 6.28 -8.04 -3.71
N GLY A 203 5.58 -8.64 -4.66
CA GLY A 203 5.74 -8.29 -6.07
C GLY A 203 4.78 -9.15 -6.88
N PRO A 204 5.06 -9.40 -8.18
CA PRO A 204 6.21 -8.94 -8.98
C PRO A 204 5.99 -7.49 -9.45
N GLU A 205 7.03 -6.67 -9.37
CA GLU A 205 6.90 -5.27 -9.73
C GLU A 205 7.35 -4.83 -11.11
N THR A 206 8.45 -5.40 -11.60
CA THR A 206 8.97 -5.01 -12.92
C THR A 206 8.02 -5.37 -14.06
N SER A 207 7.26 -6.45 -13.90
CA SER A 207 6.32 -6.89 -14.93
C SER A 207 5.03 -6.10 -14.79
N LEU A 208 4.39 -5.80 -15.92
CA LEU A 208 3.14 -5.04 -15.92
C LEU A 208 2.01 -5.80 -16.62
N SER A 209 2.37 -6.62 -17.60
CA SER A 209 1.37 -7.38 -18.34
C SER A 209 0.97 -8.62 -17.56
N ALA A 210 -0.17 -9.21 -17.94
CA ALA A 210 -0.65 -10.42 -17.30
C ALA A 210 0.37 -11.54 -17.44
N GLN A 211 0.89 -11.74 -18.65
CA GLN A 211 1.87 -12.80 -18.88
C GLN A 211 3.14 -12.58 -18.08
N GLY A 212 3.55 -11.31 -17.95
CA GLY A 212 4.73 -10.99 -17.19
C GLY A 212 4.53 -11.35 -15.72
N ASN A 213 3.43 -10.87 -15.13
CA ASN A 213 3.16 -11.15 -13.73
C ASN A 213 3.00 -12.64 -13.44
N ILE A 214 2.30 -13.34 -14.34
CA ILE A 214 2.07 -14.76 -14.18
C ILE A 214 3.35 -15.61 -14.22
N SER A 215 4.39 -15.10 -14.86
CA SER A 215 5.66 -15.84 -14.96
C SER A 215 6.54 -15.71 -13.73
N ALA A 216 6.21 -14.79 -12.83
CA ALA A 216 7.02 -14.55 -11.63
C ALA A 216 7.18 -15.72 -10.65
N ASP A 217 6.18 -16.57 -10.50
CA ASP A 217 6.31 -17.72 -9.59
C ASP A 217 7.32 -18.69 -10.20
N CYS A 218 8.42 -18.91 -9.50
CA CYS A 218 9.45 -19.83 -10.01
C CYS A 218 10.41 -20.24 -8.89
N THR A 219 11.16 -21.30 -9.16
CA THR A 219 12.13 -21.80 -8.19
C THR A 219 13.18 -20.72 -7.92
N GLY A 220 13.40 -20.42 -6.65
CA GLY A 220 14.37 -19.40 -6.29
C GLY A 220 13.75 -18.01 -6.30
N GLY A 221 12.57 -17.91 -6.91
CA GLY A 221 11.88 -16.63 -6.97
C GLY A 221 10.66 -16.56 -6.07
N MET A 222 9.58 -15.98 -6.57
CA MET A 222 8.37 -15.86 -5.77
C MET A 222 7.73 -17.22 -5.53
N THR A 223 7.22 -17.41 -4.31
CA THR A 223 6.57 -18.66 -3.92
C THR A 223 5.30 -18.31 -3.14
N CYS A 224 4.56 -19.32 -2.70
CA CYS A 224 3.30 -19.08 -2.00
C CYS A 224 3.39 -18.28 -0.70
N THR A 225 4.59 -18.21 -0.11
CA THR A 225 4.79 -17.46 1.13
C THR A 225 5.11 -15.98 0.92
N ASP A 226 5.03 -15.53 -0.34
CA ASP A 226 5.27 -14.12 -0.68
C ASP A 226 3.92 -13.49 -1.01
N SER A 227 3.82 -12.17 -0.86
CA SER A 227 2.57 -11.47 -1.18
C SER A 227 2.55 -11.22 -2.69
N HIS A 228 1.48 -11.64 -3.35
CA HIS A 228 1.33 -11.47 -4.79
C HIS A 228 0.42 -10.29 -5.10
N GLU A 229 0.96 -9.32 -5.81
CA GLU A 229 0.22 -8.10 -6.12
C GLU A 229 -0.69 -8.11 -7.32
N VAL A 230 -1.82 -7.43 -7.16
CA VAL A 230 -2.80 -7.22 -8.21
C VAL A 230 -3.39 -5.85 -7.88
N SER A 231 -3.52 -4.99 -8.89
CA SER A 231 -4.01 -3.64 -8.65
C SER A 231 -5.38 -3.27 -9.18
N GLN A 232 -6.19 -2.67 -8.32
CA GLN A 232 -7.50 -2.19 -8.73
C GLN A 232 -7.24 -0.82 -9.37
N LEU A 233 -8.14 -0.38 -10.25
CA LEU A 233 -7.96 0.91 -10.91
C LEU A 233 -8.78 1.99 -10.19
N ASN A 234 -8.82 3.20 -10.76
CA ASN A 234 -9.53 4.32 -10.14
C ASN A 234 -10.76 4.77 -10.94
N GLU A 235 -11.96 4.71 -10.34
CA GLU A 235 -12.20 4.24 -8.98
C GLU A 235 -13.25 3.12 -9.13
N LEU A 236 -13.18 2.09 -8.28
CA LEU A 236 -14.11 0.96 -8.38
C LEU A 236 -14.09 0.52 -9.83
N LYS A 237 -12.89 0.14 -10.28
CA LYS A 237 -12.67 -0.22 -11.67
C LYS A 237 -11.56 -1.29 -11.77
N ILE A 238 -11.59 -2.08 -12.84
CA ILE A 238 -10.58 -3.12 -13.03
C ILE A 238 -10.48 -3.49 -14.51
N ASP A 239 -9.33 -4.06 -14.89
CA ASP A 239 -9.10 -4.52 -16.25
C ASP A 239 -9.07 -6.05 -16.22
N LEU A 240 -9.38 -6.69 -17.34
CA LEU A 240 -9.42 -8.14 -17.40
C LEU A 240 -8.07 -8.82 -17.18
N ASP A 241 -6.98 -8.13 -17.52
CA ASP A 241 -5.64 -8.69 -17.29
C ASP A 241 -5.47 -9.05 -15.82
N ALA A 242 -5.93 -8.16 -14.94
CA ALA A 242 -5.83 -8.38 -13.51
C ALA A 242 -6.68 -9.58 -13.10
N ILE A 243 -7.82 -9.74 -13.76
CA ILE A 243 -8.72 -10.85 -13.46
C ILE A 243 -8.04 -12.21 -13.73
N SER A 244 -7.28 -12.28 -14.82
CA SER A 244 -6.57 -13.52 -15.16
C SER A 244 -5.42 -13.76 -14.18
N VAL A 245 -4.73 -12.69 -13.78
CA VAL A 245 -3.63 -12.84 -12.84
C VAL A 245 -4.16 -13.38 -11.52
N ILE A 246 -5.32 -12.89 -11.09
CA ILE A 246 -5.94 -13.36 -9.87
C ILE A 246 -6.20 -14.88 -9.94
N ALA A 247 -6.70 -15.34 -11.08
CA ALA A 247 -6.98 -16.75 -11.28
C ALA A 247 -5.70 -17.57 -11.12
N HIS A 248 -4.58 -17.03 -11.58
CA HIS A 248 -3.30 -17.70 -11.49
C HIS A 248 -2.84 -17.79 -10.04
N TYR A 249 -2.92 -16.67 -9.31
CA TYR A 249 -2.52 -16.66 -7.90
C TYR A 249 -3.31 -17.69 -7.10
N LYS A 250 -4.62 -17.71 -7.32
CA LYS A 250 -5.50 -18.65 -6.62
C LYS A 250 -5.11 -20.09 -6.97
N GLY A 251 -4.81 -20.32 -8.24
CA GLY A 251 -4.44 -21.65 -8.71
C GLY A 251 -3.13 -22.19 -8.18
N ASN A 252 -2.30 -21.30 -7.63
CA ASN A 252 -1.00 -21.69 -7.08
C ASN A 252 -0.99 -21.59 -5.55
N SER A 253 -2.14 -21.33 -4.97
CA SER A 253 -2.26 -21.20 -3.51
C SER A 253 -1.35 -20.09 -2.98
N ASP A 254 -1.23 -18.99 -3.74
CA ASP A 254 -0.40 -17.84 -3.35
C ASP A 254 -1.11 -16.85 -2.44
N ILE A 255 -0.36 -16.23 -1.52
CA ILE A 255 -0.92 -15.21 -0.66
C ILE A 255 -1.18 -14.05 -1.62
N ILE A 256 -2.41 -13.52 -1.61
CA ILE A 256 -2.77 -12.45 -2.52
C ILE A 256 -2.91 -11.07 -1.89
N MET A 257 -2.22 -10.09 -2.45
CA MET A 257 -2.30 -8.73 -1.96
C MET A 257 -2.97 -7.86 -3.03
N ASP A 258 -4.19 -7.42 -2.72
CA ASP A 258 -4.93 -6.56 -3.64
C ASP A 258 -4.64 -5.13 -3.24
N GLU A 259 -4.29 -4.29 -4.22
CA GLU A 259 -4.00 -2.89 -3.94
C GLU A 259 -4.99 -1.94 -4.63
N GLN A 260 -5.13 -0.75 -4.07
CA GLN A 260 -5.98 0.30 -4.63
C GLN A 260 -5.54 1.61 -3.99
N MET A 261 -5.28 2.60 -4.83
CA MET A 261 -4.83 3.91 -4.35
C MET A 261 -5.88 4.97 -4.68
N PRO A 262 -6.87 5.16 -3.78
CA PRO A 262 -7.91 6.15 -4.02
C PRO A 262 -7.29 7.55 -4.10
N ILE A 263 -7.76 8.35 -5.05
CA ILE A 263 -7.23 9.68 -5.26
C ILE A 263 -8.02 10.82 -4.62
N PHE A 264 -7.41 11.51 -3.66
CA PHE A 264 -8.06 12.63 -3.02
C PHE A 264 -8.17 13.74 -4.05
N GLY A 265 -9.38 14.24 -4.27
CA GLY A 265 -9.58 15.29 -5.26
C GLY A 265 -9.75 14.66 -6.63
N GLY A 266 -9.90 13.34 -6.64
CA GLY A 266 -10.07 12.62 -7.89
C GLY A 266 -11.53 12.52 -8.28
N TYR A 267 -11.88 11.44 -8.97
CA TYR A 267 -13.26 11.24 -9.41
C TYR A 267 -14.28 11.19 -8.28
N ALA A 268 -13.83 10.81 -7.09
CA ALA A 268 -14.74 10.71 -5.94
C ALA A 268 -15.02 12.06 -5.30
N GLY A 269 -14.03 12.94 -5.30
CA GLY A 269 -14.22 14.25 -4.69
C GLY A 269 -13.27 14.47 -3.52
N GLY A 270 -13.80 15.02 -2.44
CA GLY A 270 -12.99 15.32 -1.26
C GLY A 270 -12.69 14.20 -0.28
N ILE A 271 -12.30 14.58 0.93
CA ILE A 271 -11.94 13.64 1.98
C ILE A 271 -12.95 12.53 2.28
N GLU A 272 -14.13 12.90 2.80
CA GLU A 272 -15.13 11.88 3.12
C GLU A 272 -15.53 11.05 1.90
N GLU A 273 -15.64 11.71 0.75
CA GLU A 273 -16.02 11.01 -0.48
C GLU A 273 -14.99 9.96 -0.86
N THR A 274 -13.72 10.35 -0.84
CA THR A 274 -12.64 9.43 -1.19
C THR A 274 -12.52 8.30 -0.18
N THR A 275 -12.87 8.57 1.07
CA THR A 275 -12.79 7.56 2.12
C THR A 275 -13.90 6.53 1.89
N ILE A 276 -15.07 6.98 1.42
CA ILE A 276 -16.18 6.07 1.14
C ILE A 276 -15.70 5.09 0.06
N VAL A 277 -15.02 5.62 -0.95
CA VAL A 277 -14.48 4.81 -2.03
C VAL A 277 -13.45 3.83 -1.46
N ASP A 278 -12.59 4.34 -0.59
CA ASP A 278 -11.54 3.53 0.03
C ASP A 278 -12.13 2.34 0.77
N VAL A 279 -13.16 2.58 1.58
CA VAL A 279 -13.81 1.48 2.31
C VAL A 279 -14.42 0.51 1.30
N ALA A 280 -14.98 1.04 0.23
CA ALA A 280 -15.59 0.20 -0.80
C ALA A 280 -14.55 -0.67 -1.49
N THR A 281 -13.35 -0.13 -1.73
CA THR A 281 -12.32 -0.93 -2.40
C THR A 281 -11.63 -1.91 -1.47
N HIS A 282 -11.65 -1.64 -0.17
CA HIS A 282 -11.07 -2.58 0.81
C HIS A 282 -11.97 -3.82 0.75
N ILE A 283 -13.27 -3.58 0.70
CA ILE A 283 -14.25 -4.66 0.64
C ILE A 283 -14.14 -5.40 -0.69
N ASN A 284 -14.06 -4.65 -1.79
CA ASN A 284 -13.95 -5.25 -3.11
C ASN A 284 -12.72 -6.15 -3.22
N ALA A 285 -11.67 -5.81 -2.48
CA ALA A 285 -10.45 -6.59 -2.48
C ALA A 285 -10.67 -8.07 -2.14
N VAL A 286 -11.46 -8.33 -1.10
CA VAL A 286 -11.70 -9.72 -0.70
C VAL A 286 -12.83 -10.37 -1.49
N LEU A 287 -13.56 -9.55 -2.23
CA LEU A 287 -14.68 -10.02 -3.03
C LEU A 287 -14.22 -10.38 -4.45
N MET A 288 -13.75 -9.38 -5.18
CA MET A 288 -13.30 -9.56 -6.55
C MET A 288 -11.94 -10.24 -6.69
N SER A 289 -10.99 -9.87 -5.83
CA SER A 289 -9.65 -10.43 -5.93
C SER A 289 -9.32 -11.60 -5.01
N SER A 290 -10.25 -12.00 -4.15
CA SER A 290 -10.00 -13.11 -3.22
C SER A 290 -8.71 -12.82 -2.45
N ALA A 291 -8.47 -11.55 -2.17
CA ALA A 291 -7.28 -11.11 -1.47
C ALA A 291 -7.08 -11.67 -0.06
N SER A 292 -5.81 -11.90 0.28
CA SER A 292 -5.44 -12.38 1.61
C SER A 292 -5.39 -11.10 2.45
N TRP A 293 -4.93 -10.02 1.83
CA TRP A 293 -4.87 -8.70 2.49
C TRP A 293 -4.94 -7.60 1.44
N HIS A 294 -5.34 -6.40 1.87
CA HIS A 294 -5.47 -5.26 0.97
C HIS A 294 -4.50 -4.14 1.26
N LEU A 295 -3.83 -3.66 0.22
CA LEU A 295 -2.88 -2.56 0.35
C LEU A 295 -3.55 -1.26 -0.10
N ASP A 296 -3.62 -0.28 0.81
CA ASP A 296 -4.22 1.02 0.50
C ASP A 296 -3.12 1.97 0.02
N GLY A 297 -3.48 3.22 -0.21
CA GLY A 297 -2.52 4.20 -0.66
C GLY A 297 -3.19 5.46 -1.18
N PRO A 298 -3.96 6.16 -0.34
CA PRO A 298 -4.64 7.39 -0.77
C PRO A 298 -3.58 8.37 -1.26
N VAL A 299 -3.78 8.93 -2.44
CA VAL A 299 -2.81 9.87 -2.98
C VAL A 299 -3.45 11.20 -3.38
N HIS A 300 -2.75 12.29 -3.08
CA HIS A 300 -3.21 13.64 -3.38
C HIS A 300 -3.12 13.89 -4.88
N ILE A 301 -4.25 14.27 -5.49
CA ILE A 301 -4.28 14.51 -6.92
C ILE A 301 -3.22 15.46 -7.43
N ARG A 302 -2.84 16.44 -6.62
CA ARG A 302 -1.83 17.40 -7.03
C ARG A 302 -0.42 17.00 -6.61
N TRP A 303 -0.24 16.75 -5.33
CA TRP A 303 1.07 16.41 -4.79
C TRP A 303 1.58 15.01 -5.09
N GLY A 304 0.67 14.08 -5.37
CA GLY A 304 1.09 12.71 -5.68
C GLY A 304 1.74 12.01 -4.49
N SER A 305 1.39 12.44 -3.28
CA SER A 305 1.93 11.86 -2.06
C SER A 305 0.83 11.23 -1.21
N THR A 306 1.21 10.22 -0.43
CA THR A 306 0.27 9.51 0.45
C THR A 306 0.29 10.09 1.87
N ASN A 307 1.17 11.04 2.13
CA ASN A 307 1.25 11.61 3.46
C ASN A 307 0.81 13.06 3.62
N THR A 308 -0.12 13.51 2.79
CA THR A 308 -0.62 14.88 2.93
C THR A 308 -1.68 14.78 4.02
N ARG A 309 -2.07 15.91 4.59
CA ARG A 309 -3.08 15.92 5.64
C ARG A 309 -4.33 15.15 5.23
N GLU A 310 -4.81 15.40 4.01
CA GLU A 310 -6.02 14.74 3.53
C GLU A 310 -5.86 13.23 3.31
N THR A 311 -4.76 12.82 2.69
CA THR A 311 -4.55 11.39 2.44
C THR A 311 -4.33 10.59 3.72
N LEU A 312 -3.75 11.23 4.74
CA LEU A 312 -3.54 10.55 6.01
C LEU A 312 -4.88 10.36 6.70
N MET A 313 -5.73 11.38 6.61
CA MET A 313 -7.07 11.31 7.21
C MET A 313 -7.88 10.21 6.52
N ILE A 314 -7.77 10.13 5.21
CA ILE A 314 -8.49 9.12 4.44
C ILE A 314 -8.06 7.71 4.88
N ALA A 315 -6.75 7.48 4.92
CA ALA A 315 -6.23 6.18 5.33
C ALA A 315 -6.62 5.85 6.78
N GLY A 316 -6.43 6.82 7.66
CA GLY A 316 -6.77 6.62 9.07
C GLY A 316 -8.21 6.22 9.30
N TRP A 317 -9.14 6.95 8.71
CA TRP A 317 -10.56 6.65 8.87
C TRP A 317 -10.93 5.32 8.22
N ALA A 318 -10.41 5.07 7.02
CA ALA A 318 -10.71 3.84 6.31
C ALA A 318 -10.23 2.62 7.10
N CYS A 319 -8.98 2.64 7.54
CA CYS A 319 -8.43 1.51 8.29
C CYS A 319 -9.09 1.32 9.65
N ALA A 320 -9.27 2.42 10.39
CA ALA A 320 -9.91 2.34 11.70
C ALA A 320 -11.29 1.71 11.57
N THR A 321 -12.03 2.14 10.55
CA THR A 321 -13.36 1.64 10.29
C THR A 321 -13.35 0.18 9.85
N ILE A 322 -12.43 -0.15 8.94
CA ILE A 322 -12.29 -1.51 8.45
C ILE A 322 -11.88 -2.44 9.60
N SER A 323 -10.99 -1.96 10.47
CA SER A 323 -10.52 -2.75 11.59
C SER A 323 -11.62 -2.96 12.62
N GLU A 324 -12.47 -1.95 12.78
CA GLU A 324 -13.56 -2.01 13.75
C GLU A 324 -14.70 -2.94 13.35
N PHE A 325 -15.07 -2.94 12.08
CA PHE A 325 -16.20 -3.75 11.64
C PHE A 325 -15.91 -4.99 10.79
N THR A 326 -14.64 -5.26 10.48
CA THR A 326 -14.30 -6.44 9.69
C THR A 326 -13.01 -7.04 10.21
N ASP A 327 -12.63 -8.18 9.66
CA ASP A 327 -11.38 -8.85 10.03
C ASP A 327 -10.43 -8.80 8.85
N ILE A 328 -10.72 -7.91 7.90
CA ILE A 328 -9.89 -7.75 6.72
C ILE A 328 -8.49 -7.26 7.09
N LEU A 329 -7.47 -8.01 6.66
CA LEU A 329 -6.08 -7.63 6.93
C LEU A 329 -5.69 -6.58 5.89
N SER A 330 -4.93 -5.57 6.31
CA SER A 330 -4.55 -4.53 5.37
C SER A 330 -3.22 -3.85 5.66
N GLY A 331 -2.80 -3.04 4.70
CA GLY A 331 -1.56 -2.29 4.81
C GLY A 331 -1.70 -0.99 4.05
N ASN A 332 -0.66 -0.17 4.08
CA ASN A 332 -0.66 1.10 3.37
C ASN A 332 0.74 1.32 2.79
N GLN A 333 0.82 1.97 1.62
CA GLN A 333 2.10 2.21 0.96
C GLN A 333 2.56 3.67 1.14
N TYR A 334 3.87 3.86 1.14
CA TYR A 334 4.47 5.17 1.37
C TYR A 334 5.08 5.91 0.19
N TYR A 335 4.49 7.06 -0.13
CA TYR A 335 4.97 7.90 -1.22
C TYR A 335 5.21 9.35 -0.74
N PRO A 336 6.40 9.62 -0.18
CA PRO A 336 6.73 10.96 0.30
C PRO A 336 7.13 11.83 -0.89
N CYS A 337 7.06 13.14 -0.72
CA CYS A 337 7.45 14.06 -1.79
C CYS A 337 8.97 14.17 -1.84
N ALA A 338 9.60 14.37 -0.69
CA ALA A 338 11.05 14.51 -0.62
C ALA A 338 11.82 13.22 -0.91
N GLY A 339 13.07 13.38 -1.33
CA GLY A 339 13.90 12.23 -1.64
C GLY A 339 14.74 11.79 -0.46
N PRO A 340 15.50 10.70 -0.61
CA PRO A 340 16.35 10.15 0.46
C PRO A 340 17.41 11.13 0.97
N CYS A 341 17.81 10.97 2.23
N CYS A 341 17.77 10.95 2.23
CA CYS A 341 18.83 11.81 2.81
CA CYS A 341 18.78 11.76 2.90
C CYS A 341 18.37 13.25 3.04
C CYS A 341 18.37 13.22 3.09
N THR A 342 17.08 13.44 3.32
CA THR A 342 16.55 14.77 3.57
C THR A 342 15.67 14.61 4.80
N GLU A 343 15.58 15.64 5.62
CA GLU A 343 14.77 15.58 6.81
C GLU A 343 13.30 15.44 6.46
N MET A 344 12.85 16.18 5.46
CA MET A 344 11.44 16.14 5.07
C MET A 344 10.97 14.73 4.76
N CYS A 345 11.74 14.00 3.96
CA CYS A 345 11.39 12.64 3.58
C CYS A 345 11.09 11.79 4.81
N LEU A 346 12.00 11.81 5.78
CA LEU A 346 11.81 11.04 7.00
C LEU A 346 10.60 11.50 7.79
N LEU A 347 10.37 12.80 7.86
CA LEU A 347 9.22 13.32 8.58
C LEU A 347 7.92 12.96 7.88
N GLU A 348 7.95 12.97 6.55
CA GLU A 348 6.78 12.62 5.76
C GLU A 348 6.41 11.16 6.01
N ALA A 349 7.42 10.29 5.93
CA ALA A 349 7.20 8.87 6.16
C ALA A 349 6.75 8.65 7.60
N SER A 350 7.37 9.38 8.52
CA SER A 350 7.05 9.24 9.93
C SER A 350 5.58 9.55 10.21
N ALA A 351 5.09 10.63 9.61
CA ALA A 351 3.69 11.03 9.79
C ALA A 351 2.77 9.89 9.36
N GLN A 352 3.07 9.26 8.22
CA GLN A 352 2.24 8.16 7.76
C GLN A 352 2.36 6.93 8.66
N SER A 353 3.57 6.65 9.14
CA SER A 353 3.79 5.50 10.02
C SER A 353 2.96 5.66 11.29
N ILE A 354 2.93 6.88 11.84
CA ILE A 354 2.14 7.14 13.05
C ILE A 354 0.67 6.88 12.73
N THR A 355 0.20 7.45 11.61
CA THR A 355 -1.19 7.29 11.20
C THR A 355 -1.57 5.83 10.98
N ASP A 356 -0.76 5.14 10.18
CA ASP A 356 -1.03 3.74 9.86
C ASP A 356 -1.02 2.84 11.09
N THR A 357 -0.01 3.01 11.93
CA THR A 357 0.11 2.21 13.13
C THR A 357 -1.07 2.41 14.06
N ALA A 358 -1.37 3.66 14.38
CA ALA A 358 -2.48 3.97 15.28
C ALA A 358 -3.86 3.62 14.72
N SER A 359 -4.02 3.70 13.40
CA SER A 359 -5.31 3.40 12.79
C SER A 359 -5.58 1.90 12.65
N GLY A 360 -4.58 1.07 12.94
CA GLY A 360 -4.78 -0.37 12.86
C GLY A 360 -4.24 -1.15 11.66
N ARG A 361 -3.35 -0.58 10.88
CA ARG A 361 -2.81 -1.31 9.73
C ARG A 361 -1.97 -2.48 10.21
N GLU A 362 -2.03 -3.60 9.50
CA GLU A 362 -1.24 -4.77 9.88
C GLU A 362 0.14 -4.73 9.23
N ILE A 363 0.23 -4.06 8.08
CA ILE A 363 1.49 -3.98 7.34
C ILE A 363 1.81 -2.58 6.83
N LEU A 364 3.06 -2.16 7.00
CA LEU A 364 3.50 -0.86 6.51
C LEU A 364 4.45 -1.19 5.36
N SER A 365 4.14 -0.72 4.17
CA SER A 365 4.97 -1.02 2.99
C SER A 365 5.58 0.25 2.40
N GLY A 366 6.88 0.45 2.65
CA GLY A 366 7.57 1.63 2.15
C GLY A 366 9.07 1.43 2.06
N VAL A 367 9.82 2.46 1.67
CA VAL A 367 9.29 3.78 1.33
C VAL A 367 9.65 4.20 -0.10
N ALA A 368 8.64 4.59 -0.87
CA ALA A 368 8.86 5.03 -2.24
C ALA A 368 9.23 6.52 -2.24
N SER A 369 10.43 6.81 -1.76
CA SER A 369 10.92 8.17 -1.66
C SER A 369 10.96 8.89 -3.01
N ALA A 370 10.94 10.22 -2.97
CA ALA A 370 10.95 11.03 -4.19
C ALA A 370 9.77 10.62 -5.05
N LYS A 371 8.65 10.30 -4.41
CA LYS A 371 7.43 9.89 -5.08
C LYS A 371 7.61 8.60 -5.89
N GLY A 372 8.66 7.85 -5.57
CA GLY A 372 8.91 6.58 -6.23
C GLY A 372 9.10 6.57 -7.73
N VAL A 373 9.49 7.70 -8.31
CA VAL A 373 9.70 7.76 -9.75
C VAL A 373 11.10 8.19 -10.16
N VAL A 374 11.99 8.33 -9.19
CA VAL A 374 13.38 8.73 -9.48
C VAL A 374 14.33 7.58 -9.23
N THR A 375 14.99 7.15 -10.30
CA THR A 375 15.93 6.04 -10.25
C THR A 375 16.91 6.04 -9.09
N ASP A 376 16.97 4.93 -8.37
CA ASP A 376 17.86 4.72 -7.23
C ASP A 376 17.65 5.61 -6.01
N LYS A 377 16.55 6.35 -5.96
CA LYS A 377 16.31 7.20 -4.80
C LYS A 377 15.42 6.60 -3.71
N THR A 378 15.87 5.46 -3.17
CA THR A 378 15.18 4.75 -2.10
C THR A 378 16.24 3.96 -1.34
N THR A 379 16.27 4.07 -0.01
CA THR A 379 17.24 3.32 0.78
C THR A 379 16.60 2.79 2.05
N GLY A 380 17.24 1.80 2.66
CA GLY A 380 16.74 1.21 3.87
C GLY A 380 16.57 2.17 5.04
N MET A 381 17.29 3.28 5.00
CA MET A 381 17.19 4.26 6.09
C MET A 381 15.76 4.77 6.27
N GLU A 382 15.05 4.96 5.17
CA GLU A 382 13.68 5.43 5.28
C GLU A 382 12.79 4.38 5.93
N ALA A 383 13.05 3.11 5.62
CA ALA A 383 12.27 2.01 6.20
C ALA A 383 12.59 1.88 7.70
N ARG A 384 13.84 2.19 8.07
CA ARG A 384 14.25 2.11 9.47
C ARG A 384 13.42 3.12 10.27
N MET A 385 13.29 4.34 9.76
CA MET A 385 12.52 5.37 10.44
C MET A 385 11.06 4.92 10.50
N MET A 386 10.57 4.39 9.40
CA MET A 386 9.18 3.90 9.32
C MET A 386 8.93 2.91 10.45
N GLY A 387 9.86 1.97 10.63
CA GLY A 387 9.72 0.97 11.67
C GLY A 387 9.84 1.51 13.09
N GLU A 388 10.85 2.33 13.34
CA GLU A 388 11.05 2.89 14.67
C GLU A 388 9.85 3.73 15.09
N VAL A 389 9.30 4.50 14.15
CA VAL A 389 8.14 5.33 14.45
C VAL A 389 6.94 4.44 14.74
N ALA A 390 6.84 3.32 14.04
CA ALA A 390 5.73 2.40 14.27
C ALA A 390 5.80 1.88 15.69
N ARG A 391 7.00 1.53 16.14
CA ARG A 391 7.17 1.03 17.50
C ARG A 391 6.77 2.11 18.51
N ALA A 392 7.27 3.31 18.31
CA ALA A 392 6.96 4.42 19.21
C ALA A 392 5.48 4.74 19.28
N THR A 393 4.77 4.54 18.17
CA THR A 393 3.34 4.84 18.09
C THR A 393 2.44 3.76 18.69
N ALA A 394 2.84 2.51 18.58
CA ALA A 394 2.04 1.41 19.10
C ALA A 394 1.66 1.63 20.57
N GLY A 395 0.39 1.47 20.88
CA GLY A 395 -0.07 1.63 22.25
C GLY A 395 -0.41 3.04 22.73
N VAL A 396 -0.03 4.05 21.96
CA VAL A 396 -0.31 5.43 22.34
C VAL A 396 -1.80 5.80 22.21
N GLU A 397 -2.31 6.55 23.17
CA GLU A 397 -3.70 7.00 23.17
C GLU A 397 -4.01 7.72 21.87
N ILE A 398 -5.13 7.40 21.25
CA ILE A 398 -5.51 8.02 19.98
C ILE A 398 -5.62 9.53 20.06
N SER A 399 -6.17 10.05 21.16
CA SER A 399 -6.31 11.50 21.29
C SER A 399 -4.93 12.16 21.20
N GLU A 400 -3.94 11.51 21.80
N GLU A 400 -3.94 11.51 21.79
CA GLU A 400 -2.57 12.04 21.78
CA GLU A 400 -2.57 12.03 21.78
C GLU A 400 -1.98 11.94 20.38
C GLU A 400 -1.98 11.94 20.38
N VAL A 401 -2.24 10.83 19.71
CA VAL A 401 -1.73 10.63 18.35
C VAL A 401 -2.28 11.71 17.42
N ASN A 402 -3.56 12.03 17.54
CA ASN A 402 -4.16 13.05 16.69
C ASN A 402 -3.49 14.41 16.88
N VAL A 403 -3.05 14.69 18.12
CA VAL A 403 -2.39 15.96 18.40
C VAL A 403 -1.01 15.97 17.78
N ILE A 404 -0.28 14.87 17.92
CA ILE A 404 1.06 14.75 17.36
C ILE A 404 1.03 14.88 15.84
N LEU A 405 0.07 14.24 15.19
CA LEU A 405 -0.05 14.29 13.74
C LEU A 405 -0.30 15.71 13.22
N ASP A 406 -1.23 16.41 13.86
CA ASP A 406 -1.54 17.77 13.46
C ASP A 406 -0.27 18.63 13.48
N LYS A 407 0.52 18.49 14.55
CA LYS A 407 1.75 19.25 14.69
C LYS A 407 2.82 18.83 13.68
N LEU A 408 2.99 17.53 13.49
CA LEU A 408 3.99 17.00 12.57
C LEU A 408 3.70 17.37 11.13
N VAL A 409 2.48 17.12 10.67
CA VAL A 409 2.12 17.45 9.30
C VAL A 409 2.31 18.94 9.02
N SER A 410 2.08 19.78 10.03
CA SER A 410 2.24 21.22 9.88
C SER A 410 3.69 21.58 9.57
N LEU A 411 4.62 20.74 10.01
CA LEU A 411 6.04 21.01 9.78
C LEU A 411 6.49 20.89 8.32
N TYR A 412 5.67 20.26 7.47
CA TYR A 412 6.07 20.11 6.08
C TYR A 412 4.99 20.37 5.05
N GLU A 413 3.73 20.42 5.46
CA GLU A 413 2.65 20.60 4.50
C GLU A 413 2.65 21.92 3.71
N LYS A 414 3.56 22.82 4.03
CA LYS A 414 3.65 24.08 3.32
C LYS A 414 4.84 24.08 2.36
N ASN A 415 5.51 22.93 2.26
CA ASN A 415 6.69 22.82 1.41
C ASN A 415 6.62 21.74 0.34
N TYR A 416 5.42 21.29 -0.01
CA TYR A 416 5.28 20.26 -1.03
C TYR A 416 5.93 20.66 -2.35
N ALA A 417 5.61 21.86 -2.81
CA ALA A 417 6.16 22.36 -4.07
C ALA A 417 7.68 22.51 -4.05
N SER A 418 8.26 22.63 -2.87
CA SER A 418 9.71 22.79 -2.76
C SER A 418 10.40 21.64 -2.01
N ALA A 419 9.76 20.47 -1.98
CA ALA A 419 10.33 19.32 -1.31
C ALA A 419 11.73 19.04 -1.87
N PRO A 420 12.73 18.86 -0.99
CA PRO A 420 14.10 18.59 -1.45
C PRO A 420 14.18 17.29 -2.24
N ALA A 421 14.88 17.33 -3.37
CA ALA A 421 15.04 16.18 -4.25
C ALA A 421 15.73 14.98 -3.60
N GLY A 422 16.60 15.24 -2.64
CA GLY A 422 17.29 14.15 -1.97
C GLY A 422 18.39 13.54 -2.83
N LYS A 423 18.93 12.43 -2.37
CA LYS A 423 20.01 11.76 -3.09
C LYS A 423 19.73 10.30 -3.41
N THR A 424 20.52 9.75 -4.33
CA THR A 424 20.40 8.36 -4.73
C THR A 424 21.10 7.50 -3.70
N PHE A 425 20.85 6.20 -3.77
CA PHE A 425 21.46 5.22 -2.88
C PHE A 425 22.98 5.37 -2.94
N GLN A 426 23.50 5.49 -4.15
CA GLN A 426 24.94 5.64 -4.35
C GLN A 426 25.53 6.88 -3.69
N GLU A 427 24.72 7.92 -3.52
CA GLU A 427 25.17 9.17 -2.92
C GLU A 427 25.13 9.26 -1.39
N CYS A 428 24.17 8.58 -0.76
N CYS A 428 24.15 8.60 -0.76
CA CYS A 428 24.05 8.63 0.70
CA CYS A 428 24.06 8.63 0.70
C CYS A 428 24.37 7.31 1.39
C CYS A 428 24.35 7.30 1.39
N TYR A 429 24.98 6.38 0.65
CA TYR A 429 25.36 5.09 1.21
C TYR A 429 26.69 4.71 0.59
N ASP A 430 27.48 3.92 1.31
N ASP A 430 27.43 3.88 1.31
CA ASP A 430 28.72 3.43 0.76
CA ASP A 430 28.69 3.34 0.84
C ASP A 430 28.31 2.09 0.14
C ASP A 430 28.22 2.06 0.14
N VAL A 431 28.15 2.11 -1.18
CA VAL A 431 27.70 0.94 -1.95
C VAL A 431 28.41 -0.38 -1.65
N LYS A 432 29.72 -0.35 -1.48
CA LYS A 432 30.47 -1.58 -1.23
C LYS A 432 30.11 -2.31 0.05
N THR A 433 29.92 -1.57 1.13
CA THR A 433 29.57 -2.18 2.41
C THR A 433 28.08 -2.05 2.70
N VAL A 434 27.37 -1.36 1.81
CA VAL A 434 25.93 -1.16 1.95
C VAL A 434 25.58 -0.52 3.30
N THR A 435 26.27 0.56 3.64
CA THR A 435 26.03 1.26 4.89
C THR A 435 25.82 2.75 4.62
N PRO A 436 24.89 3.38 5.36
CA PRO A 436 24.62 4.81 5.17
C PRO A 436 25.81 5.68 5.54
N THR A 437 25.91 6.85 4.90
CA THR A 437 27.01 7.76 5.17
C THR A 437 26.71 8.53 6.45
N GLU A 438 27.73 9.13 7.04
CA GLU A 438 27.55 9.89 8.27
C GLU A 438 26.56 11.02 8.01
N GLU A 439 26.56 11.52 6.78
CA GLU A 439 25.66 12.59 6.38
C GLU A 439 24.20 12.17 6.62
N TYR A 440 23.85 10.98 6.13
CA TYR A 440 22.49 10.48 6.31
C TYR A 440 22.19 10.25 7.78
N MET A 441 23.15 9.67 8.49
CA MET A 441 22.97 9.41 9.91
C MET A 441 22.68 10.69 10.69
N GLN A 442 23.29 11.79 10.27
CA GLN A 442 23.06 13.08 10.93
C GLN A 442 21.65 13.57 10.64
N VAL A 443 21.24 13.47 9.38
CA VAL A 443 19.91 13.89 8.99
C VAL A 443 18.88 13.07 9.77
N TYR A 444 19.13 11.77 9.89
CA TYR A 444 18.23 10.87 10.60
C TYR A 444 18.06 11.35 12.05
N ASP A 445 19.18 11.64 12.71
CA ASP A 445 19.15 12.12 14.10
C ASP A 445 18.33 13.39 14.23
N GLY A 446 18.49 14.29 13.26
CA GLY A 446 17.75 15.55 13.31
C GLY A 446 16.26 15.33 13.24
N ALA A 447 15.83 14.44 12.35
CA ALA A 447 14.41 14.13 12.19
C ALA A 447 13.86 13.48 13.45
N ARG A 448 14.64 12.55 14.00
CA ARG A 448 14.27 11.82 15.21
C ARG A 448 14.06 12.79 16.38
N LYS A 449 14.97 13.75 16.51
CA LYS A 449 14.87 14.72 17.60
C LYS A 449 13.58 15.52 17.52
N LYS A 450 13.20 15.94 16.31
CA LYS A 450 11.97 16.70 16.15
C LYS A 450 10.75 15.85 16.51
N LEU A 451 10.79 14.57 16.18
CA LEU A 451 9.68 13.69 16.50
C LEU A 451 9.57 13.57 18.01
N GLU A 452 10.71 13.50 18.68
CA GLU A 452 10.74 13.39 20.13
C GLU A 452 10.19 14.66 20.77
N ASP A 453 10.51 15.81 20.19
CA ASP A 453 10.01 17.07 20.71
C ASP A 453 8.50 17.15 20.57
N LEU A 454 7.94 16.40 19.62
CA LEU A 454 6.49 16.40 19.42
C LEU A 454 5.81 15.48 20.42
N GLY A 455 6.60 14.63 21.08
CA GLY A 455 6.02 13.73 22.06
C GLY A 455 6.23 12.24 21.82
N LEU A 456 6.82 11.88 20.69
CA LEU A 456 7.05 10.46 20.41
C LEU A 456 8.17 9.94 21.30
N VAL A 457 7.97 8.73 21.83
CA VAL A 457 8.99 8.13 22.67
C VAL A 457 9.50 6.85 22.00
N PHE A 458 10.75 6.89 21.55
CA PHE A 458 11.38 5.76 20.89
C PHE A 458 11.88 4.70 21.84
#